data_4R2F
#
_entry.id   4R2F
#
_cell.length_a   139.101
_cell.length_b   139.101
_cell.length_c   96.458
_cell.angle_alpha   90.00
_cell.angle_beta   90.00
_cell.angle_gamma   120.00
#
_symmetry.space_group_name_H-M   'P 63 2 2'
#
loop_
_entity.id
_entity.type
_entity.pdbx_description
1 polymer 'Extracellular solute-binding protein family 1'
2 branched beta-D-glucopyranose-(1-3)-beta-D-glucopyranose
3 water water
#
_entity_poly.entity_id   1
_entity_poly.type   'polypeptide(L)'
_entity_poly.pdbx_seq_one_letter_code
;MHHHHHHSSGVDLGTENLYFQSMACGGGSASQGGGAGGAIKFWDMPWATPAYNDAAKKIAEGFSGANSKATYQIIQWNNF
YQTFSSAIASKTGPAVSTGGGFQAFQFEEQGQIAYADKVIEKLKSNGQFDDFLPGVVEPFKTSKGYVAVPWQLDIRPLWY
RKSLFEKAGVGVPTDWASLLEAGKKLKGVGAVGFATGSGAGNNIGNHLMIMMMLNNGGGVFTKDGELDVLNDRNVEAVEF
LLELVSNGVIDPAAVSYTTDNLNAQWKDSKAAYGMLTLGVPERVGDTSGDIVVASPIAGPHGDKAALIFPNNIMMYTNTP
SQEASEEFVVYYLGKLKELWQQKLMNALPVFKSITEMPEFTADPNNVKIVNEYVPIAKTFASQGTALSANLAALDGGQAL
NQFTQTVLTGKTDAKSALTAFDTGLKSVLKK
;
_entity_poly.pdbx_strand_id   A
#
# COMPACT_ATOMS: atom_id res chain seq x y z
N GLY A 38 7.49 -2.87 -31.67
CA GLY A 38 8.94 -2.82 -31.33
C GLY A 38 9.18 -2.68 -29.82
N ALA A 39 8.78 -1.54 -29.25
CA ALA A 39 9.18 -1.17 -27.90
C ALA A 39 8.33 -1.87 -26.82
N ILE A 40 8.97 -2.26 -25.72
CA ILE A 40 8.22 -2.81 -24.59
C ILE A 40 7.69 -1.64 -23.79
N LYS A 41 6.37 -1.51 -23.72
CA LYS A 41 5.75 -0.47 -22.88
C LYS A 41 5.69 -0.89 -21.42
N PHE A 42 6.32 -0.08 -20.57
CA PHE A 42 6.29 -0.26 -19.13
C PHE A 42 5.50 0.88 -18.52
N TRP A 43 4.42 0.54 -17.81
CA TRP A 43 3.65 1.51 -17.06
C TRP A 43 3.98 1.37 -15.57
N ASP A 44 4.16 2.51 -14.92
CA ASP A 44 4.60 2.60 -13.53
C ASP A 44 3.76 3.63 -12.79
N MET A 45 3.66 3.51 -11.47
CA MET A 45 2.82 4.40 -10.68
C MET A 45 3.71 5.49 -10.05
N PRO A 46 3.10 6.53 -9.48
CA PRO A 46 3.88 7.46 -8.69
C PRO A 46 4.02 6.86 -7.31
N TRP A 47 5.02 6.01 -7.15
CA TRP A 47 5.28 5.30 -5.91
C TRP A 47 5.75 6.13 -4.72
N ALA A 48 6.55 7.15 -4.98
CA ALA A 48 7.05 7.99 -3.90
C ALA A 48 7.06 9.46 -4.30
N THR A 49 8.23 10.07 -4.27
CA THR A 49 8.41 11.42 -4.78
C THR A 49 8.57 11.43 -6.29
N PRO A 50 8.42 12.69 -6.87
CA PRO A 50 8.65 12.69 -8.32
C PRO A 50 10.05 12.18 -8.66
N ALA A 51 11.04 12.41 -7.81
CA ALA A 51 12.37 11.88 -8.07
C ALA A 51 12.39 10.34 -8.20
N TYR A 52 11.47 9.62 -7.54
CA TYR A 52 11.34 8.17 -7.78
C TYR A 52 11.08 7.89 -9.27
N ASN A 53 10.13 8.61 -9.87
CA ASN A 53 9.78 8.31 -11.26
C ASN A 53 10.86 8.69 -12.26
N ASP A 54 11.60 9.78 -12.00
CA ASP A 54 12.80 10.12 -12.78
C ASP A 54 13.82 8.98 -12.81
N ALA A 55 14.11 8.43 -11.63
CA ALA A 55 15.06 7.34 -11.53
C ALA A 55 14.57 6.07 -12.18
N ALA A 56 13.29 5.76 -12.02
CA ALA A 56 12.74 4.51 -12.56
C ALA A 56 12.67 4.63 -14.09
N LYS A 57 12.34 5.82 -14.58
CA LYS A 57 12.41 6.11 -16.02
C LYS A 57 13.79 5.81 -16.59
N LYS A 58 14.84 6.32 -15.95
CA LYS A 58 16.21 6.09 -16.46
C LYS A 58 16.59 4.62 -16.43
N ILE A 59 16.20 3.90 -15.37
CA ILE A 59 16.44 2.45 -15.34
C ILE A 59 15.77 1.76 -16.52
N ALA A 60 14.48 2.02 -16.69
CA ALA A 60 13.69 1.36 -17.74
C ALA A 60 14.22 1.67 -19.14
N GLU A 61 14.54 2.94 -19.38
CA GLU A 61 14.96 3.37 -20.70
C GLU A 61 16.39 2.92 -20.99
N GLY A 62 17.07 2.41 -19.97
CA GLY A 62 18.39 1.78 -20.14
C GLY A 62 18.35 0.37 -20.66
N PHE A 63 17.18 -0.26 -20.65
CA PHE A 63 17.03 -1.62 -21.16
C PHE A 63 17.34 -1.71 -22.64
N SER A 64 18.24 -2.61 -22.98
CA SER A 64 18.59 -2.87 -24.35
C SER A 64 18.90 -4.35 -24.44
N GLY A 65 17.90 -5.16 -24.22
CA GLY A 65 18.11 -6.59 -24.18
C GLY A 65 17.15 -7.21 -25.14
N ALA A 66 17.54 -8.30 -25.77
CA ALA A 66 16.69 -8.95 -26.74
C ALA A 66 16.57 -8.07 -27.96
N ASN A 67 17.56 -7.21 -28.16
CA ASN A 67 17.55 -6.33 -29.32
C ASN A 67 16.23 -5.55 -29.34
N SER A 68 15.87 -5.08 -28.15
CA SER A 68 14.61 -4.45 -27.87
C SER A 68 14.86 -3.29 -26.95
N LYS A 69 13.84 -2.47 -26.76
CA LYS A 69 13.92 -1.27 -25.95
C LYS A 69 12.60 -1.21 -25.14
N ALA A 70 12.58 -0.35 -24.12
CA ALA A 70 11.40 -0.15 -23.26
C ALA A 70 11.07 1.32 -23.19
N THR A 71 9.78 1.64 -23.16
CA THR A 71 9.34 3.01 -22.89
C THR A 71 8.72 3.06 -21.51
N TYR A 72 8.85 4.19 -20.84
CA TYR A 72 8.33 4.39 -19.50
C TYR A 72 7.16 5.35 -19.53
N GLN A 73 6.09 5.00 -18.85
CA GLN A 73 4.93 5.86 -18.77
C GLN A 73 4.32 5.81 -17.37
N ILE A 74 4.00 6.98 -16.81
CA ILE A 74 3.42 7.08 -15.47
C ILE A 74 1.91 7.09 -15.54
N ILE A 75 1.29 6.20 -14.77
CA ILE A 75 -0.16 6.15 -14.62
C ILE A 75 -0.46 6.77 -13.27
N GLN A 76 -1.39 7.73 -13.21
CA GLN A 76 -1.74 8.39 -11.94
C GLN A 76 -2.56 7.45 -11.04
N TRP A 77 -2.49 7.66 -9.73
CA TRP A 77 -3.26 6.85 -8.81
C TRP A 77 -4.77 7.03 -8.96
N ASN A 78 -5.25 8.24 -9.22
CA ASN A 78 -6.70 8.45 -9.22
C ASN A 78 -7.34 7.62 -10.33
N ASN A 79 -8.32 6.80 -9.94
CA ASN A 79 -9.05 6.00 -10.91
C ASN A 79 -8.17 4.95 -11.64
N PHE A 80 -7.06 4.56 -11.02
CA PHE A 80 -6.10 3.65 -11.67
C PHE A 80 -6.75 2.32 -12.08
N TYR A 81 -7.68 1.83 -11.28
CA TYR A 81 -8.34 0.55 -11.57
C TYR A 81 -9.02 0.61 -12.94
N GLN A 82 -9.73 1.70 -13.16
CA GLN A 82 -10.48 1.91 -14.38
C GLN A 82 -9.52 2.19 -15.53
N THR A 83 -8.45 2.94 -15.26
CA THR A 83 -7.46 3.24 -16.30
C THR A 83 -6.89 1.94 -16.91
N PHE A 84 -6.38 1.06 -16.06
CA PHE A 84 -5.94 -0.29 -16.50
C PHE A 84 -7.05 -1.14 -17.11
N SER A 85 -8.20 -1.24 -16.45
CA SER A 85 -9.27 -2.07 -16.97
C SER A 85 -9.68 -1.64 -18.37
N SER A 86 -9.79 -0.33 -18.58
CA SER A 86 -10.15 0.24 -19.87
C SER A 86 -9.07 0.04 -20.93
N ALA A 87 -7.81 0.30 -20.60
CA ALA A 87 -6.72 0.07 -21.56
C ALA A 87 -6.63 -1.41 -22.01
N ILE A 88 -6.68 -2.33 -21.07
CA ILE A 88 -6.59 -3.74 -21.42
C ILE A 88 -7.77 -4.14 -22.33
N ALA A 89 -8.98 -3.68 -22.02
CA ALA A 89 -10.17 -4.09 -22.78
C ALA A 89 -10.17 -3.51 -24.20
N SER A 90 -9.52 -2.37 -24.38
CA SER A 90 -9.44 -1.71 -25.67
C SER A 90 -8.11 -1.98 -26.37
N LYS A 91 -7.31 -2.91 -25.81
CA LYS A 91 -6.02 -3.30 -26.41
C LYS A 91 -5.04 -2.11 -26.56
N THR A 92 -5.04 -1.20 -25.60
CA THR A 92 -4.09 -0.07 -25.61
C THR A 92 -3.21 -0.04 -24.34
N GLY A 93 -3.08 -1.20 -23.71
CA GLY A 93 -2.34 -1.32 -22.45
C GLY A 93 -0.87 -1.65 -22.67
N PRO A 94 -0.12 -1.75 -21.56
CA PRO A 94 1.31 -1.97 -21.63
C PRO A 94 1.68 -3.44 -21.79
N ALA A 95 2.97 -3.68 -22.04
CA ALA A 95 3.53 -5.04 -22.02
C ALA A 95 3.83 -5.49 -20.57
N VAL A 96 4.27 -4.54 -19.76
CA VAL A 96 4.68 -4.76 -18.39
C VAL A 96 4.23 -3.58 -17.53
N SER A 97 3.88 -3.86 -16.28
CA SER A 97 3.54 -2.80 -15.36
C SER A 97 3.70 -3.15 -13.90
N THR A 98 3.81 -2.09 -13.10
CA THR A 98 3.45 -2.15 -11.70
C THR A 98 1.99 -1.68 -11.61
N GLY A 99 1.50 -1.51 -10.40
CA GLY A 99 0.11 -1.08 -10.24
C GLY A 99 -0.42 -1.58 -8.93
N GLY A 100 -1.71 -1.88 -8.92
CA GLY A 100 -2.36 -2.31 -7.71
C GLY A 100 -1.76 -3.59 -7.18
N GLY A 101 -1.82 -3.74 -5.86
CA GLY A 101 -1.28 -4.93 -5.19
C GLY A 101 -1.85 -6.24 -5.68
N PHE A 102 -3.11 -6.25 -6.11
CA PHE A 102 -3.83 -7.47 -6.54
C PHE A 102 -4.34 -7.47 -7.94
N GLN A 103 -4.09 -6.39 -8.66
CA GLN A 103 -4.43 -6.20 -10.05
C GLN A 103 -4.06 -7.40 -10.98
N ALA A 104 -2.89 -7.97 -10.78
CA ALA A 104 -2.46 -9.11 -11.58
C ALA A 104 -3.46 -10.30 -11.48
N PHE A 105 -4.11 -10.48 -10.34
CA PHE A 105 -5.07 -11.58 -10.22
C PHE A 105 -6.36 -11.34 -11.05
N GLN A 106 -6.81 -10.08 -11.14
CA GLN A 106 -7.99 -9.40 -12.15
CA GLN A 106 -7.96 -9.73 -11.94
C GLN A 106 -7.63 -9.99 -13.38
N PHE A 107 -6.46 -9.54 -13.83
CA PHE A 107 -6.15 -9.69 -15.26
C PHE A 107 -5.83 -11.13 -15.62
N GLU A 108 -5.39 -11.90 -14.64
CA GLU A 108 -5.20 -13.32 -14.90
C GLU A 108 -6.54 -14.01 -15.12
N GLU A 109 -7.52 -13.68 -14.30
CA GLU A 109 -8.87 -14.25 -14.41
C GLU A 109 -9.45 -13.91 -15.78
N GLN A 110 -9.14 -12.73 -16.28
CA GLN A 110 -9.64 -12.28 -17.57
C GLN A 110 -8.80 -12.81 -18.71
N GLY A 111 -7.72 -13.49 -18.42
CA GLY A 111 -6.92 -14.08 -19.46
C GLY A 111 -5.99 -13.11 -20.17
N GLN A 112 -5.60 -12.02 -19.52
CA GLN A 112 -4.81 -10.96 -20.16
C GLN A 112 -3.40 -10.83 -19.56
N ILE A 113 -3.13 -11.61 -18.52
CA ILE A 113 -1.81 -11.66 -17.91
C ILE A 113 -0.90 -12.61 -18.68
N ALA A 114 0.41 -12.35 -18.68
CA ALA A 114 1.39 -13.35 -19.10
C ALA A 114 2.10 -13.94 -17.87
N TYR A 115 2.03 -15.26 -17.70
CA TYR A 115 2.59 -15.92 -16.53
C TYR A 115 4.08 -15.70 -16.49
N ALA A 116 4.61 -15.54 -15.27
CA ALA A 116 6.00 -15.18 -15.05
C ALA A 116 6.94 -16.35 -14.80
N ASP A 117 6.53 -17.56 -15.18
CA ASP A 117 7.31 -18.76 -14.89
C ASP A 117 8.72 -18.70 -15.50
N LYS A 118 8.82 -18.20 -16.74
CA LYS A 118 10.12 -18.10 -17.40
C LYS A 118 11.02 -17.07 -16.73
N VAL A 119 10.44 -15.98 -16.24
CA VAL A 119 11.19 -14.99 -15.46
C VAL A 119 11.75 -15.63 -14.20
N ILE A 120 10.91 -16.39 -13.50
CA ILE A 120 11.33 -17.09 -12.31
C ILE A 120 12.52 -18.02 -12.62
N GLU A 121 12.44 -18.79 -13.72
CA GLU A 121 13.56 -19.65 -14.17
C GLU A 121 14.82 -18.85 -14.40
N LYS A 122 14.71 -17.72 -15.11
CA LYS A 122 15.86 -16.89 -15.37
C LYS A 122 16.45 -16.34 -14.07
N LEU A 123 15.62 -16.02 -13.09
CA LEU A 123 16.12 -15.53 -11.80
C LEU A 123 16.82 -16.64 -11.02
N LYS A 124 16.32 -17.87 -11.14
CA LYS A 124 16.98 -19.01 -10.53
C LYS A 124 18.36 -19.22 -11.13
N SER A 125 18.50 -19.02 -12.45
CA SER A 125 19.77 -19.27 -13.12
C SER A 125 20.76 -18.21 -12.78
N ASN A 126 20.33 -16.94 -12.84
CA ASN A 126 21.24 -15.81 -12.59
C ASN A 126 21.52 -15.58 -11.10
N GLY A 127 20.78 -16.24 -10.21
CA GLY A 127 21.09 -16.19 -8.78
C GLY A 127 20.18 -15.28 -7.97
N GLN A 128 19.44 -14.37 -8.62
CA GLN A 128 18.60 -13.45 -7.86
C GLN A 128 17.51 -14.12 -7.06
N PHE A 129 16.99 -15.26 -7.52
CA PHE A 129 15.87 -15.91 -6.87
C PHE A 129 16.16 -16.29 -5.41
N ASP A 130 17.33 -16.86 -5.18
CA ASP A 130 17.83 -17.16 -3.84
C ASP A 130 17.90 -15.94 -2.93
N ASP A 131 17.93 -14.72 -3.48
CA ASP A 131 17.96 -13.48 -2.66
C ASP A 131 16.55 -13.00 -2.21
N PHE A 132 15.48 -13.59 -2.74
CA PHE A 132 14.13 -13.18 -2.34
C PHE A 132 14.00 -13.45 -0.85
N LEU A 133 13.26 -12.62 -0.15
CA LEU A 133 12.94 -12.90 1.25
C LEU A 133 11.99 -14.09 1.30
N PRO A 134 11.97 -14.79 2.45
CA PRO A 134 11.07 -15.92 2.56
C PRO A 134 9.61 -15.49 2.46
N GLY A 135 8.81 -16.28 1.76
CA GLY A 135 7.38 -16.07 1.64
C GLY A 135 6.91 -15.00 0.65
N VAL A 136 7.83 -14.34 -0.06
CA VAL A 136 7.39 -13.21 -0.90
C VAL A 136 6.95 -13.62 -2.30
N VAL A 137 7.39 -14.77 -2.80
CA VAL A 137 7.09 -15.21 -4.17
C VAL A 137 5.86 -16.07 -4.23
N GLU A 138 5.74 -16.93 -3.24
CA GLU A 138 4.71 -17.97 -3.18
C GLU A 138 3.25 -17.48 -3.26
N PRO A 139 2.94 -16.31 -2.65
CA PRO A 139 1.57 -15.81 -2.83
C PRO A 139 1.10 -15.69 -4.29
N PHE A 140 2.03 -15.64 -5.24
CA PHE A 140 1.72 -15.39 -6.63
C PHE A 140 1.63 -16.66 -7.47
N LYS A 141 1.83 -17.80 -6.82
CA LYS A 141 1.81 -19.07 -7.54
C LYS A 141 0.38 -19.55 -7.62
N THR A 142 -0.07 -19.88 -8.83
CA THR A 142 -1.37 -20.51 -9.05
C THR A 142 -1.17 -21.80 -9.82
N SER A 143 -2.24 -22.57 -9.96
CA SER A 143 -2.28 -23.78 -10.80
C SER A 143 -1.67 -23.57 -12.19
N LYS A 144 -1.91 -22.40 -12.78
CA LYS A 144 -1.58 -22.14 -14.17
C LYS A 144 -0.25 -21.41 -14.31
N GLY A 145 0.34 -20.97 -13.20
CA GLY A 145 1.63 -20.30 -13.20
C GLY A 145 1.72 -19.18 -12.17
N TYR A 146 2.85 -18.51 -12.16
CA TYR A 146 3.05 -17.29 -11.37
C TYR A 146 2.38 -16.10 -12.02
N VAL A 147 1.45 -15.45 -11.32
CA VAL A 147 0.74 -14.35 -11.95
C VAL A 147 1.58 -13.05 -12.05
N ALA A 148 2.63 -12.95 -11.24
CA ALA A 148 3.48 -11.75 -11.18
C ALA A 148 4.69 -12.06 -10.32
N VAL A 149 5.60 -11.09 -10.20
CA VAL A 149 6.80 -11.24 -9.38
C VAL A 149 6.85 -10.10 -8.36
N PRO A 150 7.08 -10.43 -7.07
CA PRO A 150 7.11 -9.36 -6.08
C PRO A 150 8.24 -8.37 -6.29
N TRP A 151 8.02 -7.10 -5.96
CA TRP A 151 9.13 -6.12 -6.04
C TRP A 151 9.30 -5.25 -4.81
N GLN A 152 8.24 -5.10 -4.03
CA GLN A 152 8.32 -4.39 -2.79
C GLN A 152 7.12 -4.70 -1.92
N LEU A 153 7.26 -4.35 -0.64
CA LEU A 153 6.26 -4.55 0.36
C LEU A 153 5.88 -3.22 0.95
N ASP A 154 4.66 -2.79 0.69
CA ASP A 154 4.26 -1.45 1.08
C ASP A 154 3.49 -1.60 2.38
N ILE A 155 4.17 -1.28 3.47
CA ILE A 155 3.67 -1.42 4.82
C ILE A 155 3.21 -0.07 5.38
N ARG A 156 2.37 -0.10 6.41
CA ARG A 156 1.64 1.06 6.93
C ARG A 156 2.00 1.37 8.38
N PRO A 157 3.14 2.05 8.57
CA PRO A 157 3.54 2.36 9.93
C PRO A 157 2.80 3.58 10.47
N LEU A 158 2.77 3.65 11.79
CA LEU A 158 2.34 4.85 12.48
C LEU A 158 3.58 5.73 12.70
N TRP A 159 3.37 7.03 12.60
CA TRP A 159 4.44 8.03 12.73
C TRP A 159 3.97 9.09 13.68
N TYR A 160 4.94 9.81 14.27
CA TYR A 160 4.63 10.94 15.12
C TYR A 160 5.68 12.01 15.00
N ARG A 161 5.31 13.21 15.38
CA ARG A 161 6.25 14.31 15.42
C ARG A 161 6.52 14.63 16.89
N LYS A 162 7.75 14.40 17.31
CA LYS A 162 8.12 14.57 18.74
C LYS A 162 7.79 15.96 19.30
N SER A 163 8.06 17.01 18.53
CA SER A 163 7.83 18.38 19.02
C SER A 163 6.37 18.60 19.36
N LEU A 164 5.47 17.95 18.64
CA LEU A 164 4.05 18.21 18.85
C LEU A 164 3.50 17.44 20.01
N PHE A 165 4.09 16.29 20.29
CA PHE A 165 3.73 15.52 21.47
C PHE A 165 4.26 16.24 22.71
N GLU A 166 5.46 16.80 22.59
CA GLU A 166 6.04 17.61 23.66
C GLU A 166 5.20 18.85 23.95
N LYS A 167 4.81 19.57 22.90
CA LYS A 167 3.95 20.72 23.04
C LYS A 167 2.62 20.41 23.72
N ALA A 168 2.01 19.29 23.38
CA ALA A 168 0.72 18.92 23.94
C ALA A 168 0.86 18.28 25.32
N GLY A 169 2.09 17.96 25.71
CA GLY A 169 2.34 17.35 26.99
C GLY A 169 1.83 15.92 27.08
N VAL A 170 1.90 15.16 25.98
CA VAL A 170 1.39 13.78 26.00
C VAL A 170 2.40 12.78 25.47
N GLY A 171 2.15 11.51 25.80
CA GLY A 171 2.99 10.40 25.39
C GLY A 171 2.45 9.72 24.15
N VAL A 172 3.31 8.89 23.56
CA VAL A 172 2.96 8.15 22.36
C VAL A 172 1.97 7.05 22.74
N PRO A 173 0.81 7.01 22.06
CA PRO A 173 -0.22 6.03 22.35
C PRO A 173 0.26 4.59 22.27
N THR A 174 -0.32 3.73 23.11
CA THR A 174 -0.05 2.29 23.09
C THR A 174 -1.29 1.51 22.73
N ASP A 175 -2.44 2.19 22.64
CA ASP A 175 -3.69 1.54 22.34
C ASP A 175 -4.72 2.56 21.92
N TRP A 176 -5.91 2.09 21.56
CA TRP A 176 -6.95 2.99 21.03
C TRP A 176 -7.38 4.04 22.05
N ALA A 177 -7.53 3.62 23.29
CA ALA A 177 -7.94 4.53 24.37
C ALA A 177 -6.90 5.61 24.55
N SER A 178 -5.61 5.26 24.54
CA SER A 178 -4.58 6.27 24.68
C SER A 178 -4.48 7.14 23.38
N LEU A 179 -4.76 6.59 22.21
CA LEU A 179 -4.79 7.40 20.97
C LEU A 179 -5.82 8.53 21.06
N LEU A 180 -7.02 8.17 21.51
CA LEU A 180 -8.11 9.14 21.69
C LEU A 180 -7.76 10.24 22.70
N GLU A 181 -7.25 9.86 23.87
CA GLU A 181 -6.83 10.87 24.88
C GLU A 181 -5.76 11.80 24.35
N ALA A 182 -4.69 11.24 23.80
CA ALA A 182 -3.62 12.07 23.30
C ALA A 182 -4.11 12.95 22.14
N GLY A 183 -4.92 12.36 21.28
CA GLY A 183 -5.54 13.07 20.17
C GLY A 183 -6.30 14.32 20.59
N LYS A 184 -7.16 14.18 21.61
CA LYS A 184 -7.84 15.36 22.19
C LYS A 184 -6.86 16.46 22.65
N LYS A 185 -5.74 16.09 23.25
CA LYS A 185 -4.78 17.08 23.75
C LYS A 185 -4.05 17.71 22.59
N LEU A 186 -3.76 16.91 21.56
CA LEU A 186 -3.09 17.42 20.38
C LEU A 186 -4.00 18.40 19.66
N LYS A 187 -5.27 18.07 19.58
CA LYS A 187 -6.24 19.00 19.00
C LYS A 187 -6.23 20.33 19.77
N GLY A 188 -6.14 20.23 21.09
CA GLY A 188 -6.11 21.39 21.96
C GLY A 188 -4.90 22.27 21.75
N VAL A 189 -3.79 21.77 21.19
CA VAL A 189 -2.70 22.69 20.82
C VAL A 189 -2.66 22.95 19.30
N GLY A 190 -3.77 22.72 18.62
CA GLY A 190 -3.88 23.04 17.18
C GLY A 190 -3.30 22.02 16.20
N ALA A 191 -3.02 20.81 16.67
CA ALA A 191 -2.45 19.79 15.80
C ALA A 191 -3.52 18.78 15.36
N VAL A 192 -3.18 17.98 14.36
CA VAL A 192 -4.04 16.88 13.95
C VAL A 192 -3.58 15.62 14.61
N GLY A 193 -4.45 15.06 15.44
CA GLY A 193 -4.11 13.88 16.22
C GLY A 193 -4.10 12.57 15.46
N PHE A 194 -4.72 12.54 14.27
CA PHE A 194 -4.68 11.35 13.45
C PHE A 194 -4.86 11.76 12.00
N ALA A 195 -3.73 12.00 11.35
CA ALA A 195 -3.70 12.55 10.02
C ALA A 195 -3.97 11.45 9.03
N THR A 196 -4.88 11.73 8.11
CA THR A 196 -5.20 10.82 7.02
C THR A 196 -5.77 11.65 5.86
N GLY A 197 -6.21 10.99 4.80
CA GLY A 197 -6.79 11.68 3.68
C GLY A 197 -7.43 10.72 2.73
N SER A 198 -8.53 11.17 2.11
CA SER A 198 -9.26 10.38 1.10
C SER A 198 -9.63 11.17 -0.13
N GLY A 199 -8.87 12.24 -0.39
CA GLY A 199 -9.09 13.03 -1.58
C GLY A 199 -8.72 12.29 -2.82
N ALA A 200 -8.89 12.92 -3.98
CA ALA A 200 -8.61 12.28 -5.27
C ALA A 200 -7.16 11.82 -5.31
N GLY A 201 -6.95 10.60 -5.75
CA GLY A 201 -5.60 10.01 -5.81
C GLY A 201 -5.06 9.50 -4.48
N ASN A 202 -5.76 9.73 -3.39
CA ASN A 202 -5.25 9.39 -2.06
C ASN A 202 -6.00 8.17 -1.52
N ASN A 203 -5.29 7.04 -1.45
CA ASN A 203 -5.83 5.76 -0.94
C ASN A 203 -5.52 5.46 0.53
N ILE A 204 -4.85 6.39 1.20
CA ILE A 204 -4.44 6.14 2.58
C ILE A 204 -5.65 5.99 3.52
N GLY A 205 -6.69 6.79 3.28
CA GLY A 205 -7.93 6.67 4.04
C GLY A 205 -8.54 5.29 3.91
N ASN A 206 -8.58 4.78 2.68
CA ASN A 206 -9.03 3.40 2.42
C ASN A 206 -8.25 2.44 3.29
N HIS A 207 -6.94 2.66 3.37
CA HIS A 207 -6.07 1.71 4.02
C HIS A 207 -6.25 1.75 5.52
N LEU A 208 -6.51 2.96 6.02
CA LEU A 208 -6.82 3.16 7.41
C LEU A 208 -8.06 2.37 7.80
N MET A 209 -9.09 2.37 6.96
CA MET A 209 -10.37 1.69 7.31
C MET A 209 -10.04 0.22 7.60
N ILE A 210 -9.33 -0.40 6.67
CA ILE A 210 -9.00 -1.80 6.77
C ILE A 210 -7.96 -2.04 7.84
N MET A 211 -6.93 -1.19 7.94
CA MET A 211 -5.96 -1.35 9.04
C MET A 211 -6.62 -1.38 10.40
N MET A 212 -7.61 -0.51 10.63
CA MET A 212 -8.21 -0.47 11.97
C MET A 212 -9.06 -1.70 12.25
N MET A 213 -9.72 -2.22 11.22
CA MET A 213 -10.45 -3.50 11.35
C MET A 213 -9.45 -4.59 11.74
N LEU A 214 -8.33 -4.68 11.01
CA LEU A 214 -7.31 -5.70 11.30
C LEU A 214 -6.75 -5.57 12.70
N ASN A 215 -6.51 -4.31 13.10
CA ASN A 215 -6.00 -4.02 14.42
C ASN A 215 -6.94 -4.46 15.54
N ASN A 216 -8.23 -4.60 15.25
CA ASN A 216 -9.16 -5.10 16.26
C ASN A 216 -9.54 -6.57 16.07
N GLY A 217 -8.70 -7.34 15.38
CA GLY A 217 -8.97 -8.75 15.16
C GLY A 217 -10.05 -8.99 14.12
N GLY A 218 -10.42 -7.97 13.35
CA GLY A 218 -11.44 -8.09 12.32
C GLY A 218 -10.86 -8.30 10.95
N GLY A 219 -11.54 -7.77 9.95
CA GLY A 219 -11.15 -7.94 8.56
C GLY A 219 -12.34 -8.09 7.65
N VAL A 220 -12.12 -7.91 6.36
CA VAL A 220 -13.20 -8.03 5.40
C VAL A 220 -13.69 -9.48 5.24
N PHE A 221 -12.80 -10.45 5.47
CA PHE A 221 -13.08 -11.85 5.15
C PHE A 221 -12.97 -12.77 6.36
N THR A 222 -13.67 -13.90 6.28
CA THR A 222 -13.46 -15.01 7.22
C THR A 222 -12.16 -15.73 6.87
N LYS A 223 -11.69 -16.54 7.81
CA LYS A 223 -10.59 -17.50 7.57
C LYS A 223 -10.65 -18.23 6.23
N ASP A 224 -11.86 -18.59 5.81
CA ASP A 224 -12.09 -19.35 4.56
C ASP A 224 -12.30 -18.46 3.32
N GLY A 225 -12.08 -17.16 3.47
CA GLY A 225 -12.15 -16.28 2.31
C GLY A 225 -13.56 -15.82 1.98
N GLU A 226 -14.52 -16.04 2.90
CA GLU A 226 -15.88 -15.55 2.71
C GLU A 226 -16.01 -14.15 3.30
N LEU A 227 -16.89 -13.34 2.71
CA LEU A 227 -17.18 -12.00 3.24
C LEU A 227 -17.71 -12.07 4.64
N ASP A 228 -17.18 -11.21 5.51
CA ASP A 228 -17.62 -11.10 6.88
C ASP A 228 -17.59 -9.63 7.35
N VAL A 229 -18.15 -8.74 6.54
CA VAL A 229 -18.02 -7.30 6.75
C VAL A 229 -18.67 -6.79 8.04
N LEU A 230 -19.82 -7.35 8.37
CA LEU A 230 -20.56 -6.90 9.55
C LEU A 230 -20.14 -7.59 10.84
N ASN A 231 -19.01 -8.28 10.82
CA ASN A 231 -18.43 -8.81 12.07
C ASN A 231 -18.34 -7.72 13.16
N ASP A 232 -18.67 -8.09 14.39
CA ASP A 232 -18.62 -7.14 15.52
C ASP A 232 -17.28 -6.44 15.79
N ARG A 233 -16.16 -7.05 15.40
CA ARG A 233 -14.87 -6.38 15.57
C ARG A 233 -14.73 -5.26 14.55
N ASN A 234 -15.28 -5.47 13.37
CA ASN A 234 -15.34 -4.45 12.37
C ASN A 234 -16.23 -3.30 12.82
N VAL A 235 -17.35 -3.60 13.46
CA VAL A 235 -18.27 -2.54 13.89
C VAL A 235 -17.58 -1.66 14.90
N GLU A 236 -16.95 -2.28 15.88
CA GLU A 236 -16.18 -1.54 16.87
C GLU A 236 -15.10 -0.64 16.27
N ALA A 237 -14.41 -1.16 15.26
CA ALA A 237 -13.34 -0.43 14.60
C ALA A 237 -13.89 0.82 13.94
N VAL A 238 -15.03 0.68 13.27
CA VAL A 238 -15.66 1.79 12.61
C VAL A 238 -16.24 2.79 13.62
N GLU A 239 -16.80 2.29 14.72
CA GLU A 239 -17.26 3.17 15.80
C GLU A 239 -16.11 4.00 16.38
N PHE A 240 -14.92 3.43 16.45
CA PHE A 240 -13.80 4.17 16.99
C PHE A 240 -13.37 5.29 16.04
N LEU A 241 -13.30 4.97 14.75
CA LEU A 241 -13.00 5.98 13.74
C LEU A 241 -14.01 7.11 13.76
N LEU A 242 -15.29 6.78 13.83
CA LEU A 242 -16.35 7.80 13.96
C LEU A 242 -16.17 8.68 15.19
N GLU A 243 -15.69 8.09 16.29
CA GLU A 243 -15.41 8.84 17.48
C GLU A 243 -14.20 9.76 17.27
N LEU A 244 -13.17 9.28 16.60
CA LEU A 244 -12.06 10.17 16.24
C LEU A 244 -12.53 11.36 15.37
N VAL A 245 -13.45 11.08 14.43
CA VAL A 245 -14.05 12.11 13.58
C VAL A 245 -14.89 13.12 14.37
N SER A 246 -15.74 12.64 15.26
CA SER A 246 -16.63 13.54 16.05
C SER A 246 -15.86 14.40 17.06
N ASN A 247 -14.75 13.87 17.56
CA ASN A 247 -13.91 14.58 18.52
C ASN A 247 -12.86 15.52 17.85
N GLY A 248 -12.80 15.53 16.52
CA GLY A 248 -11.87 16.37 15.78
C GLY A 248 -10.42 15.91 15.86
N VAL A 249 -10.20 14.66 16.24
CA VAL A 249 -8.83 14.06 16.23
C VAL A 249 -8.44 13.77 14.79
N ILE A 250 -9.40 13.25 14.04
CA ILE A 250 -9.32 13.29 12.59
C ILE A 250 -9.82 14.66 12.16
N ASP A 251 -9.06 15.28 11.26
CA ASP A 251 -9.31 16.61 10.74
C ASP A 251 -10.62 16.54 9.96
N PRO A 252 -11.56 17.48 10.22
CA PRO A 252 -12.84 17.40 9.53
C PRO A 252 -12.72 17.50 8.00
N ALA A 253 -11.64 18.09 7.48
CA ALA A 253 -11.43 18.12 6.02
C ALA A 253 -10.60 16.94 5.50
N ALA A 254 -10.21 16.00 6.37
CA ALA A 254 -9.38 14.84 5.91
C ALA A 254 -9.96 14.13 4.67
N VAL A 255 -11.28 14.04 4.60
CA VAL A 255 -11.96 13.38 3.49
C VAL A 255 -11.55 13.96 2.12
N SER A 256 -11.19 15.23 2.11
CA SER A 256 -10.88 15.95 0.89
C SER A 256 -9.41 15.94 0.50
N TYR A 257 -8.55 15.44 1.37
CA TYR A 257 -7.13 15.70 1.22
C TYR A 257 -6.44 14.76 0.26
N THR A 258 -5.73 15.36 -0.68
CA THR A 258 -4.95 14.65 -1.65
C THR A 258 -3.64 14.22 -0.98
N THR A 259 -2.82 13.49 -1.74
CA THR A 259 -1.54 13.03 -1.24
C THR A 259 -0.69 14.25 -0.90
N ASP A 260 -0.71 15.26 -1.77
CA ASP A 260 0.01 16.50 -1.51
C ASP A 260 -0.48 17.20 -0.27
N ASN A 261 -1.79 17.25 -0.07
CA ASN A 261 -2.36 17.89 1.11
C ASN A 261 -1.86 17.22 2.38
N LEU A 262 -1.90 15.89 2.37
CA LEU A 262 -1.51 15.10 3.52
C LEU A 262 -0.01 15.21 3.80
N ASN A 263 0.81 15.05 2.77
CA ASN A 263 2.25 15.26 2.91
C ASN A 263 2.57 16.65 3.50
N ALA A 264 1.91 17.69 3.00
CA ALA A 264 2.10 19.04 3.52
C ALA A 264 1.77 19.14 5.00
N GLN A 265 0.74 18.44 5.47
CA GLN A 265 0.42 18.46 6.91
C GLN A 265 1.58 17.90 7.75
N TRP A 266 2.20 16.84 7.25
CA TRP A 266 3.37 16.27 7.89
C TRP A 266 4.57 17.21 7.81
N LYS A 267 4.85 17.75 6.64
CA LYS A 267 6.01 18.63 6.47
C LYS A 267 5.91 19.90 7.32
N ASP A 268 4.72 20.48 7.40
CA ASP A 268 4.52 21.77 8.05
C ASP A 268 4.05 21.71 9.51
N SER A 269 4.27 20.58 10.19
CA SER A 269 4.01 20.46 11.64
C SER A 269 2.57 20.72 12.00
N LYS A 270 1.68 20.26 11.13
CA LYS A 270 0.25 20.26 11.41
C LYS A 270 -0.16 18.84 11.93
N ALA A 271 0.42 17.79 11.35
CA ALA A 271 0.08 16.42 11.70
C ALA A 271 0.96 15.97 12.84
N ALA A 272 0.37 15.51 13.95
CA ALA A 272 1.16 15.00 15.07
C ALA A 272 1.32 13.48 15.04
N TYR A 273 0.36 12.77 14.45
CA TYR A 273 0.33 11.32 14.55
C TYR A 273 -0.54 10.79 13.43
N GLY A 274 -0.19 9.61 12.92
CA GLY A 274 -1.01 8.98 11.89
C GLY A 274 -0.36 7.82 11.16
N MET A 275 -1.12 7.21 10.27
CA MET A 275 -0.67 6.04 9.54
C MET A 275 -0.24 6.49 8.16
N LEU A 276 0.99 6.16 7.78
CA LEU A 276 1.44 6.43 6.44
C LEU A 276 2.26 5.30 5.83
N THR A 277 3.49 5.60 5.45
CA THR A 277 4.35 4.67 4.72
C THR A 277 5.74 4.66 5.30
N LEU A 278 6.55 3.72 4.85
CA LEU A 278 7.96 3.77 5.13
C LEU A 278 8.55 5.02 4.47
N GLY A 279 9.51 5.65 5.12
CA GLY A 279 10.25 6.79 4.56
C GLY A 279 9.53 8.11 4.56
N VAL A 280 8.64 8.33 5.52
CA VAL A 280 7.88 9.57 5.54
C VAL A 280 8.74 10.86 5.53
N PRO A 281 9.80 10.96 6.36
CA PRO A 281 10.58 12.22 6.33
C PRO A 281 11.09 12.59 4.92
N GLU A 282 11.57 11.59 4.21
CA GLU A 282 12.14 11.76 2.88
C GLU A 282 11.01 12.08 1.90
N ARG A 283 9.89 11.38 2.03
CA ARG A 283 8.73 11.59 1.18
CA ARG A 283 8.72 11.57 1.20
C ARG A 283 8.20 13.02 1.29
N VAL A 284 8.15 13.58 2.50
CA VAL A 284 7.57 14.89 2.68
C VAL A 284 8.58 16.04 2.74
N GLY A 285 9.87 15.75 2.62
CA GLY A 285 10.91 16.78 2.67
C GLY A 285 11.11 17.45 4.03
N ASP A 286 11.08 16.67 5.10
CA ASP A 286 11.50 17.14 6.42
C ASP A 286 12.26 16.04 7.12
N THR A 287 13.58 16.09 6.97
CA THR A 287 14.50 15.19 7.62
C THR A 287 15.21 15.85 8.82
N SER A 288 14.55 16.76 9.51
CA SER A 288 15.04 17.27 10.79
C SER A 288 15.24 16.15 11.85
N GLY A 289 14.58 15.01 11.71
CA GLY A 289 14.61 13.98 12.77
C GLY A 289 13.40 14.09 13.70
N ASP A 290 12.54 15.08 13.47
CA ASP A 290 11.38 15.30 14.34
C ASP A 290 10.28 14.29 14.03
N ILE A 291 10.21 13.81 12.79
CA ILE A 291 9.19 12.83 12.39
C ILE A 291 9.77 11.43 12.51
N VAL A 292 9.12 10.62 13.35
CA VAL A 292 9.65 9.34 13.81
C VAL A 292 8.60 8.23 13.80
N VAL A 293 9.04 7.00 13.56
CA VAL A 293 8.12 5.83 13.60
C VAL A 293 7.65 5.57 15.03
N ALA A 294 6.34 5.40 15.18
CA ALA A 294 5.74 5.06 16.47
C ALA A 294 5.52 3.55 16.55
N SER A 295 5.47 3.00 17.77
CA SER A 295 5.21 1.56 17.91
C SER A 295 3.76 1.24 17.56
N PRO A 296 3.50 0.04 17.03
CA PRO A 296 2.11 -0.37 16.80
C PRO A 296 1.32 -0.30 18.10
N ILE A 297 0.02 -0.09 17.98
CA ILE A 297 -0.86 0.02 19.15
C ILE A 297 -1.83 -1.14 19.21
N ALA A 298 -2.29 -1.42 20.42
CA ALA A 298 -3.20 -2.51 20.66
C ALA A 298 -4.64 -2.04 20.55
N GLY A 299 -5.47 -2.86 19.93
CA GLY A 299 -6.92 -2.67 19.96
C GLY A 299 -7.48 -2.92 21.35
N PRO A 300 -8.78 -2.64 21.55
CA PRO A 300 -9.37 -2.72 22.88
C PRO A 300 -9.44 -4.15 23.45
N HIS A 301 -9.30 -5.17 22.62
CA HIS A 301 -9.22 -6.55 23.07
C HIS A 301 -7.78 -7.09 23.08
N GLY A 302 -6.79 -6.23 22.86
CA GLY A 302 -5.40 -6.66 22.88
C GLY A 302 -4.75 -7.02 21.55
N ASP A 303 -5.52 -6.97 20.47
CA ASP A 303 -5.03 -7.36 19.15
C ASP A 303 -4.02 -6.36 18.56
N LYS A 304 -3.02 -6.90 17.88
CA LYS A 304 -2.00 -6.13 17.17
C LYS A 304 -2.00 -6.56 15.72
N ALA A 305 -2.00 -5.59 14.81
CA ALA A 305 -1.81 -5.86 13.38
C ALA A 305 -1.21 -4.66 12.66
N ALA A 306 -0.47 -4.96 11.57
CA ALA A 306 -0.03 -3.97 10.59
C ALA A 306 -0.58 -4.38 9.24
N LEU A 307 -0.88 -3.38 8.42
CA LEU A 307 -1.38 -3.60 7.06
C LEU A 307 -0.20 -3.58 6.09
N ILE A 308 -0.14 -4.55 5.19
CA ILE A 308 0.90 -4.66 4.18
C ILE A 308 0.33 -5.04 2.81
N PHE A 309 0.95 -4.49 1.75
CA PHE A 309 0.60 -4.75 0.34
C PHE A 309 1.79 -5.44 -0.34
N PRO A 310 1.56 -6.64 -0.88
CA PRO A 310 2.57 -7.38 -1.61
C PRO A 310 2.67 -6.93 -3.05
N ASN A 311 3.30 -5.79 -3.29
CA ASN A 311 3.33 -5.26 -4.63
C ASN A 311 4.23 -6.02 -5.57
N ASN A 312 3.87 -5.97 -6.84
CA ASN A 312 4.40 -6.91 -7.82
C ASN A 312 4.45 -6.31 -9.22
N ILE A 313 5.32 -6.89 -10.05
CA ILE A 313 5.46 -6.53 -11.43
C ILE A 313 4.83 -7.60 -12.25
N MET A 314 4.05 -7.15 -13.22
CA MET A 314 3.20 -8.01 -14.00
C MET A 314 3.43 -7.81 -15.48
N MET A 315 3.27 -8.90 -16.21
CA MET A 315 3.42 -8.89 -17.66
C MET A 315 2.05 -9.18 -18.27
N TYR A 316 1.82 -8.71 -19.49
CA TYR A 316 0.53 -8.82 -20.18
C TYR A 316 0.65 -9.52 -21.52
N THR A 317 -0.46 -10.12 -21.99
CA THR A 317 -0.46 -10.81 -23.27
C THR A 317 -0.24 -9.86 -24.45
N ASN A 318 -0.67 -8.61 -24.30
CA ASN A 318 -0.45 -7.63 -25.35
C ASN A 318 0.96 -7.09 -25.31
N THR A 319 1.87 -7.85 -25.92
CA THR A 319 3.29 -7.48 -26.00
C THR A 319 3.74 -7.76 -27.42
N PRO A 320 4.66 -6.95 -27.93
CA PRO A 320 5.22 -7.27 -29.23
C PRO A 320 6.11 -8.50 -29.17
N SER A 321 6.65 -8.82 -27.99
CA SER A 321 7.49 -10.02 -27.84
C SER A 321 7.50 -10.46 -26.39
N GLN A 322 7.00 -11.68 -26.11
CA GLN A 322 7.01 -12.20 -24.74
C GLN A 322 8.41 -12.42 -24.21
N GLU A 323 9.34 -12.86 -25.05
CA GLU A 323 10.72 -12.96 -24.64
C GLU A 323 11.30 -11.64 -24.17
N ALA A 324 10.95 -10.57 -24.86
CA ALA A 324 11.43 -9.24 -24.49
C ALA A 324 10.79 -8.77 -23.18
N SER A 325 9.49 -8.98 -23.01
CA SER A 325 8.85 -8.66 -21.73
C SER A 325 9.67 -9.33 -20.59
N GLU A 326 10.01 -10.60 -20.79
CA GLU A 326 10.71 -11.39 -19.78
C GLU A 326 12.11 -10.86 -19.52
N GLU A 327 12.82 -10.53 -20.59
CA GLU A 327 14.13 -9.91 -20.45
C GLU A 327 14.05 -8.57 -19.72
N PHE A 328 13.04 -7.76 -20.06
CA PHE A 328 12.89 -6.48 -19.40
C PHE A 328 12.72 -6.70 -17.92
N VAL A 329 11.82 -7.62 -17.56
CA VAL A 329 11.49 -7.81 -16.14
C VAL A 329 12.72 -8.28 -15.37
N VAL A 330 13.52 -9.16 -15.96
CA VAL A 330 14.72 -9.66 -15.29
C VAL A 330 15.75 -8.52 -15.12
N TYR A 331 15.90 -7.76 -16.18
CA TYR A 331 16.76 -6.56 -16.15
C TYR A 331 16.31 -5.61 -15.04
N TYR A 332 15.01 -5.33 -15.00
CA TYR A 332 14.50 -4.32 -14.06
C TYR A 332 14.68 -4.79 -12.62
N LEU A 333 14.30 -6.04 -12.34
CA LEU A 333 14.52 -6.58 -10.97
C LEU A 333 15.98 -6.49 -10.52
N GLY A 334 16.91 -6.69 -11.46
CA GLY A 334 18.34 -6.61 -11.18
C GLY A 334 18.85 -5.22 -10.82
N LYS A 335 18.13 -4.16 -11.18
CA LYS A 335 18.54 -2.79 -10.90
C LYS A 335 17.78 -2.13 -9.72
N LEU A 336 16.78 -2.82 -9.20
CA LEU A 336 15.96 -2.28 -8.09
C LEU A 336 16.77 -1.80 -6.89
N LYS A 337 17.86 -2.48 -6.55
CA LYS A 337 18.70 -2.03 -5.44
C LYS A 337 19.07 -0.54 -5.53
N GLU A 338 19.24 -0.01 -6.73
CA GLU A 338 19.63 1.41 -6.87
C GLU A 338 18.60 2.35 -6.28
N LEU A 339 17.32 1.95 -6.30
CA LEU A 339 16.25 2.82 -5.80
C LEU A 339 16.30 2.94 -4.29
N TRP A 340 16.62 1.84 -3.62
CA TRP A 340 16.82 1.88 -2.18
C TRP A 340 18.16 2.49 -1.81
N GLN A 341 19.17 2.31 -2.67
CA GLN A 341 20.49 2.93 -2.45
C GLN A 341 20.37 4.45 -2.44
N GLN A 342 19.59 4.99 -3.38
CA GLN A 342 19.32 6.44 -3.42
C GLN A 342 18.20 6.89 -2.49
N LYS A 343 17.61 5.95 -1.74
CA LYS A 343 16.61 6.28 -0.72
C LYS A 343 15.39 6.95 -1.33
N LEU A 344 14.97 6.44 -2.48
CA LEU A 344 13.85 6.99 -3.21
C LEU A 344 12.53 6.23 -2.96
N MET A 345 12.59 5.11 -2.23
CA MET A 345 11.42 4.26 -2.00
C MET A 345 10.67 4.54 -0.69
N ASN A 346 9.34 4.38 -0.76
CA ASN A 346 8.47 4.46 0.41
C ASN A 346 7.87 3.07 0.73
N ALA A 347 8.71 2.05 0.61
CA ALA A 347 8.30 0.65 0.83
C ALA A 347 9.50 -0.19 1.22
N LEU A 348 9.22 -1.37 1.75
CA LEU A 348 10.25 -2.33 2.09
C LEU A 348 10.69 -3.07 0.83
N PRO A 349 11.96 -3.48 0.75
CA PRO A 349 12.40 -4.37 -0.33
C PRO A 349 11.93 -5.81 -0.14
N VAL A 350 12.00 -6.61 -1.21
CA VAL A 350 11.67 -8.03 -1.13
C VAL A 350 12.92 -8.91 -1.30
N PHE A 351 14.07 -8.26 -1.36
CA PHE A 351 15.35 -8.93 -1.55
C PHE A 351 16.23 -8.75 -0.32
N LYS A 352 16.77 -9.86 0.16
CA LYS A 352 17.59 -9.89 1.38
C LYS A 352 18.79 -8.93 1.35
N SER A 353 19.50 -8.91 0.22
CA SER A 353 20.67 -8.05 0.07
C SER A 353 20.29 -6.59 0.24
N ILE A 354 19.13 -6.19 -0.25
CA ILE A 354 18.71 -4.79 -0.13
C ILE A 354 18.39 -4.49 1.33
N THR A 355 17.76 -5.44 2.03
CA THR A 355 17.46 -5.24 3.47
C THR A 355 18.71 -5.17 4.33
N GLU A 356 19.85 -5.58 3.79
CA GLU A 356 21.13 -5.51 4.50
C GLU A 356 22.04 -4.38 4.02
N MET A 357 21.52 -3.57 3.11
CA MET A 357 22.29 -2.51 2.49
C MET A 357 22.50 -1.46 3.58
N PRO A 358 23.73 -0.92 3.68
CA PRO A 358 24.01 0.11 4.67
C PRO A 358 23.01 1.25 4.70
N GLU A 359 22.59 1.71 3.54
CA GLU A 359 21.66 2.83 3.42
C GLU A 359 20.30 2.52 4.08
N PHE A 360 19.89 1.25 4.02
CA PHE A 360 18.65 0.79 4.62
C PHE A 360 18.73 0.62 6.15
N THR A 361 19.67 -0.19 6.63
CA THR A 361 19.73 -0.50 8.06
C THR A 361 20.23 0.67 8.92
N ALA A 362 20.89 1.67 8.33
CA ALA A 362 21.42 2.75 9.19
C ALA A 362 20.33 3.72 9.65
N ASP A 363 19.18 3.65 8.97
CA ASP A 363 18.01 4.47 9.31
C ASP A 363 17.15 3.72 10.34
N PRO A 364 17.13 4.23 11.58
CA PRO A 364 16.44 3.51 12.62
C PRO A 364 14.93 3.38 12.40
N ASN A 365 14.33 4.30 11.67
CA ASN A 365 12.93 4.14 11.30
C ASN A 365 12.68 2.88 10.51
N ASN A 366 13.57 2.56 9.58
CA ASN A 366 13.44 1.36 8.78
C ASN A 366 13.56 0.14 9.67
N VAL A 367 14.53 0.15 10.57
CA VAL A 367 14.71 -0.98 11.47
C VAL A 367 13.50 -1.19 12.38
N LYS A 368 12.92 -0.09 12.88
CA LYS A 368 11.75 -0.23 13.73
C LYS A 368 10.55 -0.85 12.98
N ILE A 369 10.40 -0.50 11.71
CA ILE A 369 9.33 -1.06 10.86
C ILE A 369 9.51 -2.56 10.66
N VAL A 370 10.74 -2.95 10.32
CA VAL A 370 11.10 -4.36 10.21
C VAL A 370 10.83 -5.11 11.48
N ASN A 371 11.24 -4.53 12.60
CA ASN A 371 11.20 -5.27 13.85
C ASN A 371 9.83 -5.30 14.51
N GLU A 372 9.03 -4.25 14.34
CA GLU A 372 7.77 -4.11 15.05
C GLU A 372 6.56 -4.25 14.16
N TYR A 373 6.66 -3.88 12.89
CA TYR A 373 5.48 -3.99 11.99
C TYR A 373 5.48 -5.26 11.14
N VAL A 374 6.62 -5.63 10.58
CA VAL A 374 6.64 -6.80 9.71
C VAL A 374 6.08 -8.05 10.38
N PRO A 375 6.47 -8.33 11.64
CA PRO A 375 6.01 -9.58 12.26
C PRO A 375 4.50 -9.70 12.49
N ILE A 376 3.78 -8.58 12.51
CA ILE A 376 2.32 -8.57 12.73
C ILE A 376 1.55 -8.19 11.47
N ALA A 377 2.25 -8.20 10.35
CA ALA A 377 1.70 -7.72 9.09
C ALA A 377 0.63 -8.65 8.52
N LYS A 378 -0.46 -8.08 8.00
CA LYS A 378 -1.54 -8.82 7.34
C LYS A 378 -1.97 -8.05 6.08
N THR A 379 -2.58 -8.76 5.13
CA THR A 379 -3.05 -8.13 3.91
C THR A 379 -4.56 -7.96 3.95
N PHE A 380 -5.08 -7.34 2.90
CA PHE A 380 -6.52 -7.26 2.68
C PHE A 380 -7.25 -8.62 2.69
N ALA A 381 -6.54 -9.74 2.47
CA ALA A 381 -7.17 -11.07 2.51
C ALA A 381 -7.67 -11.49 3.88
N SER A 382 -7.13 -10.86 4.91
CA SER A 382 -7.43 -11.23 6.28
C SER A 382 -8.93 -11.26 6.51
N GLN A 383 -9.39 -12.28 7.20
CA GLN A 383 -8.55 -13.24 7.94
C GLN A 383 -8.11 -14.48 7.15
N GLY A 384 -8.42 -14.54 5.86
CA GLY A 384 -7.78 -15.48 4.98
C GLY A 384 -6.33 -15.08 4.72
N THR A 385 -5.64 -15.90 3.94
CA THR A 385 -4.25 -15.66 3.58
C THR A 385 -4.06 -15.61 2.07
N ALA A 386 -4.65 -16.57 1.39
CA ALA A 386 -4.51 -16.68 -0.04
C ALA A 386 -5.04 -15.46 -0.78
N LEU A 387 -4.25 -14.96 -1.74
CA LEU A 387 -4.65 -13.82 -2.58
C LEU A 387 -5.55 -14.28 -3.70
N SER A 388 -6.33 -13.35 -4.28
CA SER A 388 -7.29 -13.67 -5.36
C SER A 388 -7.80 -12.41 -6.06
N ALA A 389 -8.51 -12.59 -7.16
CA ALA A 389 -9.02 -11.47 -7.97
C ALA A 389 -10.00 -10.63 -7.18
N ASN A 390 -10.73 -11.24 -6.27
CA ASN A 390 -11.66 -10.45 -5.46
C ASN A 390 -10.96 -9.33 -4.69
N LEU A 391 -9.69 -9.52 -4.37
CA LEU A 391 -8.93 -8.48 -3.67
C LEU A 391 -8.72 -7.30 -4.59
N ALA A 392 -8.58 -7.58 -5.88
CA ALA A 392 -8.44 -6.53 -6.86
C ALA A 392 -9.69 -5.62 -6.85
N ALA A 393 -10.87 -6.22 -6.80
CA ALA A 393 -12.15 -5.46 -6.81
C ALA A 393 -12.36 -4.69 -5.50
N LEU A 394 -12.00 -5.33 -4.40
CA LEU A 394 -12.02 -4.68 -3.13
C LEU A 394 -11.13 -3.44 -3.13
N ASP A 395 -9.88 -3.62 -3.53
CA ASP A 395 -8.87 -2.56 -3.43
C ASP A 395 -9.13 -1.37 -4.37
N GLY A 396 -9.49 -1.65 -5.62
CA GLY A 396 -9.61 -0.63 -6.63
C GLY A 396 -11.01 -0.08 -6.88
N GLY A 397 -12.03 -0.66 -6.24
CA GLY A 397 -13.41 -0.36 -6.59
C GLY A 397 -14.07 0.73 -5.76
N GLN A 398 -15.26 1.11 -6.20
CA GLN A 398 -16.01 2.20 -5.61
C GLN A 398 -16.44 1.97 -4.19
N ALA A 399 -16.75 0.73 -3.81
CA ALA A 399 -17.31 0.47 -2.47
C ALA A 399 -16.39 0.89 -1.32
N LEU A 400 -15.10 0.56 -1.41
CA LEU A 400 -14.18 0.91 -0.35
C LEU A 400 -13.99 2.43 -0.32
N ASN A 401 -13.86 3.06 -1.50
CA ASN A 401 -13.69 4.52 -1.56
C ASN A 401 -14.80 5.23 -0.84
N GLN A 402 -16.03 4.84 -1.16
CA GLN A 402 -17.26 5.49 -0.64
C GLN A 402 -17.45 5.21 0.84
N PHE A 403 -17.16 3.99 1.25
CA PHE A 403 -17.15 3.66 2.68
C PHE A 403 -16.24 4.60 3.45
N THR A 404 -15.04 4.78 2.94
CA THR A 404 -14.06 5.63 3.60
C THR A 404 -14.59 7.06 3.74
N GLN A 405 -15.16 7.59 2.66
CA GLN A 405 -15.56 8.98 2.67
C GLN A 405 -16.73 9.18 3.61
N THR A 406 -17.59 8.19 3.66
CA THR A 406 -18.70 8.17 4.61
C THR A 406 -18.24 8.19 6.06
N VAL A 407 -17.26 7.37 6.38
CA VAL A 407 -16.77 7.33 7.76
C VAL A 407 -16.06 8.63 8.12
N LEU A 408 -15.23 9.11 7.21
CA LEU A 408 -14.39 10.27 7.49
C LEU A 408 -15.21 11.58 7.58
N THR A 409 -16.45 11.56 7.11
CA THR A 409 -17.42 12.67 7.33
C THR A 409 -18.49 12.42 8.38
N GLY A 410 -18.43 11.27 9.05
CA GLY A 410 -19.45 10.84 10.01
C GLY A 410 -20.87 10.92 9.48
N LYS A 411 -21.04 10.54 8.22
CA LYS A 411 -22.30 10.72 7.53
C LYS A 411 -23.39 9.77 8.03
N THR A 412 -22.99 8.66 8.63
CA THR A 412 -23.95 7.69 9.12
C THR A 412 -23.34 6.87 10.24
N ASP A 413 -24.11 5.94 10.78
CA ASP A 413 -23.65 5.11 11.89
C ASP A 413 -22.85 3.90 11.35
N ALA A 414 -22.12 3.26 12.24
CA ALA A 414 -21.12 2.24 11.84
C ALA A 414 -21.76 1.07 11.11
N LYS A 415 -22.82 0.53 11.72
CA LYS A 415 -23.56 -0.58 11.10
C LYS A 415 -24.08 -0.23 9.72
N SER A 416 -24.66 0.97 9.54
CA SER A 416 -25.17 1.37 8.23
C SER A 416 -24.05 1.48 7.19
N ALA A 417 -22.96 2.12 7.57
CA ALA A 417 -21.83 2.29 6.65
C ALA A 417 -21.30 0.92 6.18
N LEU A 418 -21.12 0.02 7.15
CA LEU A 418 -20.64 -1.34 6.88
C LEU A 418 -21.62 -2.15 6.02
N THR A 419 -22.93 -1.95 6.24
CA THR A 419 -23.95 -2.63 5.46
C THR A 419 -23.88 -2.15 4.03
N ALA A 420 -23.74 -0.84 3.84
CA ALA A 420 -23.60 -0.30 2.47
C ALA A 420 -22.31 -0.84 1.82
N PHE A 421 -21.26 -0.98 2.62
CA PHE A 421 -19.99 -1.52 2.15
C PHE A 421 -20.18 -2.99 1.70
N ASP A 422 -20.74 -3.79 2.59
CA ASP A 422 -21.07 -5.20 2.32
C ASP A 422 -21.84 -5.36 1.02
N THR A 423 -22.90 -4.59 0.90
CA THR A 423 -23.75 -4.62 -0.25
C THR A 423 -23.01 -4.24 -1.51
N GLY A 424 -22.16 -3.22 -1.45
CA GLY A 424 -21.42 -2.79 -2.66
C GLY A 424 -20.42 -3.87 -3.14
N LEU A 425 -19.77 -4.50 -2.17
CA LEU A 425 -18.83 -5.57 -2.44
C LEU A 425 -19.54 -6.78 -3.06
N LYS A 426 -20.74 -7.11 -2.60
CA LYS A 426 -21.50 -8.23 -3.19
C LYS A 426 -21.88 -7.97 -4.64
N SER A 427 -22.09 -6.71 -4.99
CA SER A 427 -22.40 -6.37 -6.35
C SER A 427 -21.25 -6.67 -7.31
N VAL A 428 -20.01 -6.67 -6.81
CA VAL A 428 -18.83 -6.75 -7.72
C VAL A 428 -17.92 -7.97 -7.53
N LEU A 429 -17.77 -8.42 -6.30
CA LEU A 429 -17.05 -9.65 -6.01
C LEU A 429 -17.82 -10.84 -6.58
N LYS A 430 -17.08 -11.86 -7.00
CA LYS A 430 -17.68 -13.10 -7.47
C LYS A 430 -17.73 -14.01 -6.27
N LYS A 431 -18.93 -14.47 -5.92
CA LYS A 431 -19.11 -15.25 -4.69
C LYS A 431 -18.42 -16.62 -4.79
#